data_5YV9
#
_entry.id   5YV9
#
_cell.length_a   66.823
_cell.length_b   78.017
_cell.length_c   83.710
_cell.angle_alpha   90.00
_cell.angle_beta   90.00
_cell.angle_gamma   90.00
#
_symmetry.space_group_name_H-M   'P 21 21 21'
#
loop_
_entity.id
_entity.type
_entity.pdbx_description
1 polymer 'Calcium/calmodulin-dependent protein kinase kinase 2'
2 non-polymer '5-chloro-2-methoxy-4[(1Z)-3-(4-methoxyphenyl)-3-oxoprop-1-en-1-yl]aminobenzoic acid'
3 non-polymer GLYCEROL
4 non-polymer 'CHLORIDE ION'
5 water water
#
_entity_poly.entity_id   1
_entity_poly.type   'polypeptide(L)'
_entity_poly.pdbx_seq_one_letter_code
;GSSGSSGDCVQLNQYTLKDEIGKGSYGVVKLAYNENDNTYYAMKVLSKKKLIRQAGFPRRPPPRGTRPAPGGCIQPRGPI
EQVYQEIAILKKLDHPNVVKLVEVLDDPNEDHLYMVFELVNQGPVMEVPTLKPLSEDQARFYFQDLIKGIEYLHYQKIIH
RDIKPSNLLVGEDGHIKIADFGVSNEFKGSDALLSNTVGTPAFMAPESLSETRKIFSGKALDVWAMGVTLYCFVFGQCPF
MDERIM(CAS)LHSKIKSQALEFPDQPDIAEDLKDLITRMLDKNPESRIVVPEIKLHPWVTR
;
_entity_poly.pdbx_strand_id   A
#
# COMPACT_ATOMS: atom_id res chain seq x y z
N VAL A 10 -19.12 24.69 -1.63
CA VAL A 10 -18.94 23.56 -0.72
C VAL A 10 -17.64 23.76 0.11
N GLN A 11 -17.76 24.52 1.21
CA GLN A 11 -16.63 25.00 2.00
C GLN A 11 -16.59 24.32 3.38
N LEU A 12 -15.37 24.10 3.88
CA LEU A 12 -15.14 23.46 5.19
C LEU A 12 -14.00 24.19 5.91
N ASN A 13 -14.35 25.25 6.64
CA ASN A 13 -13.38 26.16 7.25
C ASN A 13 -12.59 26.87 6.15
N GLN A 14 -11.30 26.61 6.04
CA GLN A 14 -10.50 27.26 5.02
C GLN A 14 -10.39 26.43 3.72
N TYR A 15 -10.96 25.23 3.70
CA TYR A 15 -10.84 24.31 2.57
C TYR A 15 -12.11 24.34 1.72
N THR A 16 -11.94 24.44 0.40
CA THR A 16 -13.05 24.30 -0.54
C THR A 16 -12.92 22.96 -1.26
N LEU A 17 -13.88 22.07 -1.01
CA LEU A 17 -13.87 20.72 -1.59
C LEU A 17 -14.15 20.79 -3.08
N LYS A 18 -13.26 20.23 -3.89
CA LYS A 18 -13.48 20.19 -5.33
C LYS A 18 -13.82 18.75 -5.75
N ASP A 19 -13.39 18.33 -6.94
CA ASP A 19 -13.84 17.05 -7.45
C ASP A 19 -13.24 15.89 -6.65
N GLU A 20 -13.92 14.75 -6.74
CA GLU A 20 -13.41 13.51 -6.17
C GLU A 20 -12.26 13.00 -7.02
N ILE A 21 -11.16 12.61 -6.37
CA ILE A 21 -10.00 12.08 -7.07
C ILE A 21 -9.71 10.61 -6.72
N GLY A 22 -10.19 10.10 -5.58
CA GLY A 22 -10.08 8.71 -5.23
C GLY A 22 -11.30 8.27 -4.45
N LYS A 23 -11.42 6.96 -4.27
CA LYS A 23 -12.61 6.36 -3.71
C LYS A 23 -12.24 5.02 -3.11
N GLY A 24 -13.03 4.58 -2.14
CA GLY A 24 -12.78 3.30 -1.52
C GLY A 24 -13.75 3.04 -0.40
N SER A 25 -13.48 1.99 0.37
CA SER A 25 -14.38 1.60 1.46
C SER A 25 -14.37 2.61 2.60
N TYR A 26 -13.30 3.37 2.74
CA TYR A 26 -13.22 4.40 3.78
C TYR A 26 -14.19 5.56 3.50
N GLY A 27 -14.53 5.78 2.23
CA GLY A 27 -15.19 7.00 1.81
C GLY A 27 -14.63 7.50 0.50
N VAL A 28 -14.26 8.79 0.42
CA VAL A 28 -13.71 9.37 -0.79
C VAL A 28 -12.50 10.23 -0.44
N VAL A 29 -11.68 10.48 -1.46
CA VAL A 29 -10.70 11.56 -1.43
C VAL A 29 -11.12 12.60 -2.47
N LYS A 30 -11.15 13.85 -2.07
CA LYS A 30 -11.52 14.97 -2.91
C LYS A 30 -10.32 15.90 -3.05
N LEU A 31 -10.14 16.47 -4.23
CA LEU A 31 -9.23 17.60 -4.34
C LEU A 31 -9.77 18.74 -3.49
N ALA A 32 -8.85 19.52 -2.93
CA ALA A 32 -9.30 20.56 -2.02
C ALA A 32 -8.40 21.77 -2.15
N TYR A 33 -8.98 22.95 -1.98
CA TYR A 33 -8.28 24.21 -2.17
C TYR A 33 -8.25 24.97 -0.85
N ASN A 34 -7.06 25.24 -0.35
CA ASN A 34 -6.88 25.97 0.91
C ASN A 34 -6.79 27.46 0.57
N GLU A 35 -7.82 28.22 0.94
CA GLU A 35 -7.84 29.65 0.64
C GLU A 35 -6.75 30.41 1.39
N ASN A 36 -6.40 29.94 2.60
CA ASN A 36 -5.36 30.59 3.40
C ASN A 36 -4.08 30.71 2.60
N ASP A 37 -3.50 29.57 2.25
CA ASP A 37 -2.19 29.53 1.60
C ASP A 37 -2.28 29.25 0.11
N ASN A 38 -3.48 29.20 -0.46
CA ASN A 38 -3.66 29.24 -1.90
C ASN A 38 -3.17 27.95 -2.58
N THR A 39 -3.39 26.80 -1.97
CA THR A 39 -2.73 25.56 -2.38
C THR A 39 -3.73 24.40 -2.40
N TYR A 40 -3.52 23.47 -3.35
CA TYR A 40 -4.34 22.26 -3.42
C TYR A 40 -3.83 21.22 -2.44
N TYR A 41 -4.78 20.43 -1.91
CA TYR A 41 -4.50 19.30 -1.02
C TYR A 41 -5.44 18.16 -1.36
N ALA A 42 -5.10 16.97 -0.86
CA ALA A 42 -5.97 15.81 -0.95
C ALA A 42 -6.77 15.68 0.34
N MET A 43 -8.10 15.69 0.22
CA MET A 43 -8.98 15.63 1.37
C MET A 43 -9.64 14.25 1.43
N LYS A 44 -9.29 13.48 2.47
CA LYS A 44 -9.91 12.19 2.76
C LYS A 44 -11.15 12.40 3.63
N VAL A 45 -12.32 12.03 3.11
CA VAL A 45 -13.60 12.26 3.79
C VAL A 45 -14.17 10.93 4.24
N LEU A 46 -14.45 10.80 5.54
CA LEU A 46 -15.07 9.60 6.09
C LEU A 46 -16.41 9.95 6.75
N SER A 47 -17.26 8.92 6.89
CA SER A 47 -18.58 9.03 7.52
C SER A 47 -18.79 7.91 8.52
N LYS A 48 -18.86 8.25 9.79
CA LYS A 48 -19.05 7.25 10.85
C LYS A 48 -20.33 6.43 10.63
N LYS A 49 -20.17 5.11 10.65
CA LYS A 49 -21.30 4.21 10.40
C LYS A 49 -21.08 2.77 10.91
N PRO A 79 -13.76 0.16 15.45
CA PRO A 79 -14.77 1.06 14.87
C PRO A 79 -14.20 2.35 14.26
N ILE A 80 -14.74 3.48 14.70
CA ILE A 80 -14.14 4.78 14.43
C ILE A 80 -12.80 4.92 15.15
N GLU A 81 -12.59 4.09 16.19
CA GLU A 81 -11.29 3.92 16.81
C GLU A 81 -10.19 3.71 15.78
N GLN A 82 -10.43 2.79 14.82
CA GLN A 82 -9.41 2.43 13.85
C GLN A 82 -8.95 3.65 13.06
N VAL A 83 -9.89 4.57 12.75
CA VAL A 83 -9.51 5.79 12.06
C VAL A 83 -8.55 6.62 12.91
N TYR A 84 -8.80 6.68 14.20
CA TYR A 84 -7.91 7.46 15.06
C TYR A 84 -6.58 6.75 15.28
N GLN A 85 -6.52 5.43 15.14
CA GLN A 85 -5.23 4.75 15.16
C GLN A 85 -4.39 5.13 13.96
N GLU A 86 -5.02 5.32 12.80
CA GLU A 86 -4.27 5.71 11.62
C GLU A 86 -3.68 7.11 11.79
N ILE A 87 -4.48 8.04 12.30
CA ILE A 87 -4.03 9.42 12.51
C ILE A 87 -2.83 9.45 13.46
N ALA A 88 -2.85 8.61 14.50
CA ALA A 88 -1.70 8.53 15.41
C ALA A 88 -0.47 8.02 14.70
N ILE A 89 -0.62 6.99 13.86
CA ILE A 89 0.52 6.50 13.09
C ILE A 89 0.99 7.58 12.12
N LEU A 90 0.06 8.13 11.34
CA LEU A 90 0.43 9.10 10.33
C LEU A 90 1.21 10.26 10.92
N LYS A 91 0.77 10.73 12.10
CA LYS A 91 1.42 11.88 12.74
C LYS A 91 2.91 11.64 12.97
N LYS A 92 3.32 10.40 13.19
CA LYS A 92 4.71 10.11 13.48
C LYS A 92 5.58 9.98 12.22
N LEU A 93 5.02 10.09 11.02
CA LEU A 93 5.69 9.66 9.79
C LEU A 93 6.18 10.84 8.98
N ASP A 94 7.46 10.80 8.64
CA ASP A 94 8.05 11.89 7.87
C ASP A 94 9.10 11.27 6.97
N HIS A 95 8.73 11.04 5.71
CA HIS A 95 9.65 10.41 4.77
C HIS A 95 9.22 10.76 3.37
N PRO A 96 10.16 10.88 2.41
CA PRO A 96 9.79 11.30 1.04
C PRO A 96 8.92 10.31 0.29
N ASN A 97 8.92 9.05 0.70
CA ASN A 97 8.15 8.01 0.04
C ASN A 97 6.94 7.59 0.87
N VAL A 98 6.46 8.49 1.73
CA VAL A 98 5.28 8.25 2.55
C VAL A 98 4.45 9.54 2.52
N VAL A 99 3.12 9.39 2.46
CA VAL A 99 2.24 10.57 2.39
C VAL A 99 2.34 11.36 3.69
N LYS A 100 1.88 12.62 3.64
CA LYS A 100 2.00 13.55 4.76
C LYS A 100 0.60 14.01 5.15
N LEU A 101 0.15 13.58 6.32
CA LEU A 101 -1.07 14.13 6.90
C LEU A 101 -0.78 15.54 7.35
N VAL A 102 -1.69 16.46 7.03
CA VAL A 102 -1.49 17.89 7.28
C VAL A 102 -2.31 18.37 8.46
N GLU A 103 -3.61 18.07 8.48
CA GLU A 103 -4.40 18.28 9.69
C GLU A 103 -5.63 17.39 9.65
N VAL A 104 -6.33 17.35 10.78
CA VAL A 104 -7.57 16.60 10.94
C VAL A 104 -8.66 17.58 11.36
N LEU A 105 -9.81 17.51 10.70
CA LEU A 105 -10.95 18.36 10.99
C LEU A 105 -12.07 17.47 11.52
N ASP A 106 -12.31 17.53 12.81
CA ASP A 106 -13.30 16.68 13.45
C ASP A 106 -14.23 17.54 14.29
N ASP A 107 -15.46 17.69 13.83
CA ASP A 107 -16.49 18.39 14.57
C ASP A 107 -17.30 17.37 15.34
N PRO A 108 -17.42 17.50 16.67
CA PRO A 108 -18.27 16.58 17.43
C PRO A 108 -19.70 16.51 16.91
N ASN A 109 -20.16 17.58 16.25
CA ASN A 109 -21.52 17.71 15.78
C ASN A 109 -21.64 17.51 14.26
N GLU A 110 -20.73 16.76 13.65
CA GLU A 110 -20.79 16.49 12.21
C GLU A 110 -20.34 15.07 11.93
N ASP A 111 -21.13 14.35 11.12
CA ASP A 111 -20.82 12.95 10.82
C ASP A 111 -19.51 12.81 10.06
N HIS A 112 -19.15 13.80 9.27
CA HIS A 112 -17.98 13.68 8.44
C HIS A 112 -16.73 13.98 9.24
N LEU A 113 -15.69 13.21 8.97
CA LEU A 113 -14.36 13.42 9.52
C LEU A 113 -13.40 13.63 8.35
N TYR A 114 -12.56 14.64 8.46
CA TYR A 114 -11.71 15.10 7.36
C TYR A 114 -10.24 14.95 7.71
N MET A 115 -9.49 14.31 6.81
CA MET A 115 -8.05 14.14 6.96
C MET A 115 -7.40 14.81 5.76
N VAL A 116 -6.68 15.89 6.01
CA VAL A 116 -6.02 16.67 4.95
C VAL A 116 -4.62 16.14 4.73
N PHE A 117 -4.33 15.71 3.51
CA PHE A 117 -3.02 15.23 3.11
C PHE A 117 -2.42 16.19 2.08
N GLU A 118 -1.08 16.19 2.03
CA GLU A 118 -0.40 16.84 0.92
C GLU A 118 -0.74 16.13 -0.37
N LEU A 119 -1.10 16.89 -1.40
CA LEU A 119 -1.50 16.34 -2.68
C LEU A 119 -0.33 15.67 -3.39
N VAL A 120 -0.47 14.41 -3.73
CA VAL A 120 0.49 13.70 -4.55
C VAL A 120 -0.10 13.66 -5.96
N ASN A 121 0.34 14.61 -6.80
CA ASN A 121 -0.52 15.20 -7.82
C ASN A 121 -0.77 14.34 -9.04
N GLN A 122 0.03 13.31 -9.27
CA GLN A 122 -0.15 12.46 -10.46
C GLN A 122 -0.95 11.20 -10.17
N GLY A 123 -1.28 10.91 -8.92
CA GLY A 123 -2.17 9.83 -8.59
C GLY A 123 -1.50 8.48 -8.59
N PRO A 124 -2.34 7.43 -8.52
CA PRO A 124 -1.81 6.08 -8.39
C PRO A 124 -0.93 5.72 -9.57
N VAL A 125 0.04 4.86 -9.30
CA VAL A 125 1.03 4.53 -10.31
C VAL A 125 0.43 3.65 -11.38
N MET A 126 -0.54 2.80 -11.04
CA MET A 126 -1.32 2.11 -12.05
C MET A 126 -2.59 1.53 -11.43
N GLU A 127 -3.55 1.22 -12.31
CA GLU A 127 -4.74 0.50 -11.90
C GLU A 127 -4.61 -0.95 -12.36
N VAL A 128 -5.10 -1.86 -11.53
CA VAL A 128 -5.03 -3.29 -11.76
C VAL A 128 -6.45 -3.80 -11.89
N PRO A 129 -6.79 -4.51 -12.97
CA PRO A 129 -5.85 -4.86 -14.03
C PRO A 129 -5.67 -3.81 -15.13
N THR A 130 -4.59 -3.91 -15.89
CA THR A 130 -4.39 -3.07 -17.07
C THR A 130 -3.79 -3.92 -18.18
N LEU A 131 -3.97 -3.45 -19.42
CA LEU A 131 -3.36 -4.09 -20.57
C LEU A 131 -2.08 -3.40 -21.01
N LYS A 132 -1.66 -2.35 -20.30
CA LYS A 132 -0.39 -1.70 -20.52
C LYS A 132 0.33 -1.63 -19.20
N PRO A 133 1.05 -2.68 -18.83
CA PRO A 133 1.82 -2.65 -17.58
C PRO A 133 3.06 -1.79 -17.76
N LEU A 134 3.81 -1.62 -16.68
CA LEU A 134 5.04 -0.83 -16.76
C LEU A 134 6.14 -1.64 -17.46
N SER A 135 7.12 -0.91 -18.01
CA SER A 135 8.35 -1.57 -18.39
C SER A 135 9.14 -1.93 -17.15
N GLU A 136 10.08 -2.87 -17.32
CA GLU A 136 10.93 -3.30 -16.21
C GLU A 136 11.62 -2.11 -15.56
N ASP A 137 12.27 -1.27 -16.36
CA ASP A 137 12.97 -0.10 -15.84
C ASP A 137 12.02 0.85 -15.13
N GLN A 138 10.80 1.01 -15.64
CA GLN A 138 9.80 1.77 -14.89
C GLN A 138 9.47 1.07 -13.58
N ALA A 139 9.31 -0.25 -13.62
CA ALA A 139 8.98 -0.97 -12.40
C ALA A 139 10.13 -0.88 -11.40
N ARG A 140 11.36 -1.05 -11.89
CA ARG A 140 12.53 -0.90 -11.03
C ARG A 140 12.56 0.47 -10.35
N PHE A 141 12.42 1.54 -11.13
CA PHE A 141 12.34 2.89 -10.58
C PHE A 141 11.34 2.98 -9.42
N TYR A 142 10.09 2.57 -9.67
CA TYR A 142 9.06 2.67 -8.64
C TYR A 142 9.34 1.73 -7.49
N PHE A 143 9.73 0.49 -7.80
CA PHE A 143 10.03 -0.46 -6.74
C PHE A 143 11.11 0.05 -5.80
N GLN A 144 12.08 0.79 -6.33
CA GLN A 144 13.12 1.36 -5.49
C GLN A 144 12.52 2.33 -4.49
N ASP A 145 11.52 3.09 -4.91
CA ASP A 145 10.83 3.94 -3.95
C ASP A 145 10.12 3.10 -2.92
N LEU A 146 9.41 2.06 -3.38
CA LEU A 146 8.69 1.19 -2.46
C LEU A 146 9.61 0.63 -1.39
N ILE A 147 10.81 0.21 -1.79
CA ILE A 147 11.78 -0.34 -0.85
C ILE A 147 12.14 0.69 0.22
N LYS A 148 12.51 1.90 -0.20
CA LYS A 148 12.91 2.91 0.75
C LYS A 148 11.77 3.23 1.72
N GLY A 149 10.56 3.40 1.20
CA GLY A 149 9.43 3.66 2.07
C GLY A 149 9.14 2.53 3.05
N ILE A 150 9.10 1.28 2.55
CA ILE A 150 8.81 0.15 3.43
C ILE A 150 9.90 0.01 4.49
N GLU A 151 11.16 0.19 4.09
CA GLU A 151 12.24 0.13 5.06
C GLU A 151 12.09 1.20 6.13
N TYR A 152 11.68 2.40 5.75
CA TYR A 152 11.47 3.45 6.73
C TYR A 152 10.36 3.07 7.70
N LEU A 153 9.23 2.62 7.17
CA LEU A 153 8.11 2.26 8.03
C LEU A 153 8.49 1.18 9.02
N HIS A 154 9.25 0.19 8.57
CA HIS A 154 9.62 -0.89 9.48
C HIS A 154 10.57 -0.41 10.54
N TYR A 155 11.46 0.53 10.20
CA TYR A 155 12.31 1.12 11.22
C TYR A 155 11.45 1.86 12.24
N GLN A 156 10.43 2.56 11.76
CA GLN A 156 9.47 3.23 12.62
C GLN A 156 8.47 2.28 13.24
N LYS A 157 8.61 0.97 13.00
CA LYS A 157 7.79 -0.07 13.63
C LYS A 157 6.33 -0.01 13.19
N ILE A 158 6.11 0.23 11.90
CA ILE A 158 4.79 0.23 11.30
C ILE A 158 4.78 -0.87 10.26
N ILE A 159 3.80 -1.75 10.33
CA ILE A 159 3.48 -2.68 9.26
C ILE A 159 2.35 -2.04 8.47
N HIS A 160 2.53 -1.90 7.15
CA HIS A 160 1.56 -1.15 6.35
C HIS A 160 0.29 -1.96 6.12
N ARG A 161 0.41 -3.22 5.70
CA ARG A 161 -0.70 -4.18 5.49
C ARG A 161 -1.67 -3.86 4.36
N ASP A 162 -1.44 -2.83 3.56
CA ASP A 162 -2.27 -2.63 2.37
C ASP A 162 -1.41 -2.10 1.23
N ILE A 163 -0.21 -2.65 1.09
CA ILE A 163 0.64 -2.32 -0.04
C ILE A 163 0.03 -2.88 -1.33
N LYS A 164 -0.13 -2.01 -2.32
CA LYS A 164 -0.64 -2.38 -3.64
C LYS A 164 -0.48 -1.18 -4.56
N PRO A 165 -0.43 -1.42 -5.86
CA PRO A 165 -0.10 -0.32 -6.79
C PRO A 165 -1.03 0.88 -6.66
N SER A 166 -2.30 0.68 -6.30
CA SER A 166 -3.18 1.82 -6.26
C SER A 166 -3.03 2.65 -4.99
N ASN A 167 -2.27 2.16 -4.01
CA ASN A 167 -1.88 2.93 -2.84
C ASN A 167 -0.49 3.55 -2.99
N LEU A 168 0.13 3.45 -4.16
CA LEU A 168 1.43 4.05 -4.41
C LEU A 168 1.19 5.27 -5.28
N LEU A 169 1.21 6.45 -4.65
CA LEU A 169 0.90 7.70 -5.34
C LEU A 169 2.15 8.32 -5.93
N VAL A 170 2.04 8.81 -7.17
CA VAL A 170 3.17 9.36 -7.91
C VAL A 170 3.18 10.88 -7.80
N GLY A 171 4.27 11.42 -7.26
CA GLY A 171 4.36 12.83 -6.93
C GLY A 171 4.93 13.66 -8.05
N GLU A 172 5.20 14.92 -7.71
CA GLU A 172 5.55 15.93 -8.69
C GLU A 172 6.87 15.61 -9.41
N ASP A 173 7.80 14.96 -8.71
CA ASP A 173 9.09 14.60 -9.28
C ASP A 173 9.10 13.21 -9.89
N GLY A 174 7.95 12.57 -10.00
CA GLY A 174 7.89 11.24 -10.55
C GLY A 174 8.11 10.12 -9.56
N HIS A 175 8.28 10.42 -8.28
CA HIS A 175 8.55 9.38 -7.29
C HIS A 175 7.28 9.00 -6.52
N ILE A 176 7.26 7.76 -6.08
CA ILE A 176 6.13 7.17 -5.38
C ILE A 176 6.11 7.63 -3.93
N LYS A 177 4.90 7.88 -3.43
CA LYS A 177 4.67 8.05 -1.99
C LYS A 177 3.64 7.01 -1.55
N ILE A 178 3.92 6.31 -0.46
CA ILE A 178 3.04 5.26 0.06
C ILE A 178 1.87 5.90 0.83
N ALA A 179 0.65 5.50 0.48
CA ALA A 179 -0.60 6.02 1.03
C ALA A 179 -1.45 4.89 1.62
N ASP A 180 -2.56 5.30 2.25
CA ASP A 180 -3.59 4.47 2.90
C ASP A 180 -3.01 3.66 4.03
N PHE A 181 -2.85 4.28 5.19
CA PHE A 181 -2.46 3.57 6.41
C PHE A 181 -3.66 3.09 7.21
N GLY A 182 -4.82 2.94 6.55
CA GLY A 182 -6.07 2.60 7.19
C GLY A 182 -6.08 1.31 8.02
N VAL A 183 -5.17 0.38 7.77
CA VAL A 183 -5.18 -0.87 8.53
C VAL A 183 -3.79 -1.19 9.03
N SER A 184 -2.90 -0.20 9.05
CA SER A 184 -1.54 -0.42 9.52
C SER A 184 -1.51 -0.77 11.00
N ASN A 185 -0.42 -1.44 11.41
CA ASN A 185 -0.18 -1.75 12.80
C ASN A 185 1.14 -1.15 13.25
N GLU A 186 1.17 -0.70 14.50
CA GLU A 186 2.38 -0.34 15.20
C GLU A 186 2.73 -1.47 16.14
N PHE A 187 4.02 -1.73 16.31
CA PHE A 187 4.43 -2.80 17.19
C PHE A 187 5.59 -2.35 18.07
N LYS A 188 5.77 -3.08 19.14
CA LYS A 188 6.96 -2.96 19.96
C LYS A 188 7.83 -4.17 19.70
N GLY A 189 9.12 -4.00 19.83
CA GLY A 189 10.02 -5.08 19.51
C GLY A 189 10.46 -5.01 18.07
N SER A 190 11.08 -6.10 17.64
CA SER A 190 11.68 -6.12 16.31
C SER A 190 10.70 -6.54 15.22
N ASP A 191 9.51 -7.00 15.58
CA ASP A 191 8.52 -7.34 14.58
C ASP A 191 7.15 -7.41 15.26
N ALA A 192 6.13 -7.34 14.42
CA ALA A 192 4.76 -7.48 14.88
C ALA A 192 4.37 -8.95 14.88
N LEU A 193 3.65 -9.36 15.92
CA LEU A 193 3.07 -10.71 16.04
C LEU A 193 1.57 -10.55 15.89
N LEU A 194 1.05 -10.90 14.73
CA LEU A 194 -0.32 -10.57 14.37
C LEU A 194 -1.17 -11.82 14.21
N SER A 195 -2.48 -11.63 14.37
CA SER A 195 -3.48 -12.68 14.24
C SER A 195 -4.70 -12.29 13.40
N ASN A 196 -4.82 -11.04 12.98
CA ASN A 196 -6.01 -10.55 12.31
C ASN A 196 -5.76 -10.46 10.81
N THR A 197 -6.82 -10.55 10.04
CA THR A 197 -6.74 -10.61 8.59
C THR A 197 -7.36 -9.33 8.02
N VAL A 198 -6.53 -8.43 7.52
CA VAL A 198 -7.00 -7.16 6.96
C VAL A 198 -6.25 -6.89 5.66
N GLY A 199 -6.76 -5.88 4.93
CA GLY A 199 -6.12 -5.39 3.72
C GLY A 199 -6.87 -5.76 2.46
N THR A 200 -6.17 -5.73 1.37
CA THR A 200 -6.82 -6.04 0.10
C THR A 200 -6.65 -7.52 -0.22
N PRO A 201 -7.74 -8.24 -0.48
CA PRO A 201 -7.65 -9.71 -0.56
C PRO A 201 -6.62 -10.25 -1.55
N ALA A 202 -6.59 -9.75 -2.78
CA ALA A 202 -5.61 -10.27 -3.72
C ALA A 202 -4.17 -10.07 -3.23
N PHE A 203 -3.94 -9.29 -2.18
CA PHE A 203 -2.58 -9.02 -1.76
C PHE A 203 -2.24 -9.63 -0.41
N MET A 204 -3.16 -10.38 0.19
CA MET A 204 -2.91 -10.94 1.50
C MET A 204 -1.98 -12.13 1.41
N ALA A 205 -1.19 -12.29 2.40
CA ALA A 205 -0.17 -13.31 2.41
C ALA A 205 -0.78 -14.62 2.91
N PRO A 206 -0.33 -15.75 2.40
CA PRO A 206 -1.01 -17.02 2.71
C PRO A 206 -1.03 -17.35 4.18
N GLU A 207 -0.02 -16.97 4.95
CA GLU A 207 0.02 -17.30 6.38
C GLU A 207 -1.00 -16.51 7.19
N SER A 208 -1.58 -15.44 6.62
CA SER A 208 -2.65 -14.68 7.26
C SER A 208 -4.05 -15.21 6.90
N LEU A 209 -4.14 -16.28 6.13
CA LEU A 209 -5.41 -16.86 5.74
C LEU A 209 -5.61 -18.24 6.35
N SER A 210 -5.09 -18.46 7.56
CA SER A 210 -5.15 -19.79 8.16
C SER A 210 -6.57 -20.17 8.55
N GLU A 211 -7.36 -19.19 8.99
CA GLU A 211 -8.69 -19.40 9.56
C GLU A 211 -8.70 -20.16 10.88
N THR A 212 -7.52 -20.44 11.47
CA THR A 212 -7.42 -20.94 12.83
C THR A 212 -6.82 -19.90 13.78
N ARG A 213 -6.82 -18.63 13.36
CA ARG A 213 -6.38 -17.52 14.20
C ARG A 213 -4.91 -17.65 14.62
N LYS A 214 -4.10 -18.32 13.80
CA LYS A 214 -2.69 -18.48 14.10
C LYS A 214 -1.97 -17.13 14.15
N ILE A 215 -0.83 -17.12 14.86
CA ILE A 215 0.05 -15.96 14.96
C ILE A 215 1.00 -15.96 13.78
N PHE A 216 1.20 -14.81 13.16
CA PHE A 216 2.18 -14.66 12.09
C PHE A 216 2.88 -13.31 12.21
N SER A 217 4.08 -13.24 11.66
CA SER A 217 4.92 -12.06 11.81
C SER A 217 4.58 -11.00 10.76
N GLY A 218 4.84 -9.74 11.11
CA GLY A 218 4.30 -8.65 10.32
C GLY A 218 5.11 -8.21 9.12
N LYS A 219 6.44 -8.08 9.26
CA LYS A 219 7.23 -7.55 8.14
C LYS A 219 7.08 -8.42 6.91
N ALA A 220 7.01 -9.75 7.09
CA ALA A 220 6.89 -10.62 5.95
C ALA A 220 5.57 -10.43 5.20
N LEU A 221 4.52 -9.94 5.88
CA LEU A 221 3.28 -9.61 5.17
C LEU A 221 3.47 -8.47 4.19
N ASP A 222 4.25 -7.45 4.59
CA ASP A 222 4.50 -6.35 3.66
C ASP A 222 5.34 -6.83 2.47
N VAL A 223 6.34 -7.70 2.73
CA VAL A 223 7.17 -8.20 1.64
C VAL A 223 6.31 -8.94 0.61
N TRP A 224 5.42 -9.83 1.09
CA TRP A 224 4.53 -10.56 0.19
C TRP A 224 3.75 -9.61 -0.71
N ALA A 225 3.10 -8.63 -0.10
CA ALA A 225 2.31 -7.67 -0.85
C ALA A 225 3.17 -6.85 -1.80
N MET A 226 4.41 -6.57 -1.40
CA MET A 226 5.35 -5.94 -2.32
C MET A 226 5.61 -6.83 -3.53
N GLY A 227 5.64 -8.15 -3.30
CA GLY A 227 5.86 -9.07 -4.41
C GLY A 227 4.66 -9.12 -5.34
N VAL A 228 3.45 -9.21 -4.79
CA VAL A 228 2.26 -9.12 -5.63
C VAL A 228 2.29 -7.82 -6.41
N THR A 229 2.75 -6.74 -5.76
CA THR A 229 2.77 -5.42 -6.38
C THR A 229 3.73 -5.38 -7.56
N LEU A 230 4.94 -5.88 -7.36
CA LEU A 230 5.91 -5.90 -8.43
C LEU A 230 5.44 -6.76 -9.59
N TYR A 231 4.83 -7.91 -9.29
CA TYR A 231 4.23 -8.72 -10.32
C TYR A 231 3.20 -7.91 -11.11
N CYS A 232 2.34 -7.16 -10.40
CA CYS A 232 1.37 -6.29 -11.06
C CYS A 232 2.06 -5.25 -11.92
N PHE A 233 3.14 -4.62 -11.41
CA PHE A 233 3.89 -3.65 -12.22
C PHE A 233 4.17 -4.19 -13.63
N VAL A 234 4.71 -5.40 -13.71
CA VAL A 234 5.19 -5.90 -14.99
C VAL A 234 4.14 -6.68 -15.78
N PHE A 235 3.10 -7.19 -15.13
CA PHE A 235 2.11 -7.99 -15.84
C PHE A 235 0.75 -7.36 -15.96
N GLY A 236 0.43 -6.35 -15.13
CA GLY A 236 -0.85 -5.70 -15.23
C GLY A 236 -2.02 -6.48 -14.67
N GLN A 237 -1.76 -7.53 -13.91
CA GLN A 237 -2.79 -8.33 -13.26
C GLN A 237 -2.15 -9.01 -12.07
N CYS A 238 -2.99 -9.41 -11.11
CA CYS A 238 -2.43 -10.05 -9.93
C CYS A 238 -2.04 -11.47 -10.27
N PRO A 239 -1.13 -12.05 -9.49
CA PRO A 239 -0.73 -13.45 -9.77
C PRO A 239 -1.79 -14.44 -9.36
N PHE A 240 -2.69 -14.07 -8.46
CA PHE A 240 -3.74 -14.97 -8.00
C PHE A 240 -5.07 -14.26 -8.17
N MET A 241 -5.89 -14.72 -9.10
CA MET A 241 -7.18 -14.09 -9.38
C MET A 241 -8.29 -15.11 -9.21
N ASP A 242 -9.38 -14.68 -8.59
CA ASP A 242 -10.64 -15.41 -8.63
C ASP A 242 -11.71 -14.55 -7.99
N GLU A 243 -12.83 -14.40 -8.70
CA GLU A 243 -13.98 -13.68 -8.18
C GLU A 243 -14.73 -14.42 -7.08
N ARG A 244 -14.46 -15.71 -6.89
CA ARG A 244 -14.93 -16.41 -5.71
C ARG A 244 -13.88 -16.26 -4.62
N ILE A 245 -14.30 -15.78 -3.44
CA ILE A 245 -13.32 -15.40 -2.43
C ILE A 245 -12.65 -16.64 -1.86
N MET A 246 -13.40 -17.73 -1.72
CA MET A 246 -12.86 -18.99 -1.26
C MET A 246 -11.72 -19.46 -2.17
N LEU A 248 -10.01 -17.55 -4.32
CA LEU A 248 -8.88 -16.64 -4.23
C LEU A 248 -8.00 -17.04 -3.04
N HIS A 249 -8.60 -17.24 -1.86
CA HIS A 249 -7.82 -17.70 -0.70
C HIS A 249 -7.08 -19.00 -1.03
N SER A 250 -7.78 -19.93 -1.66
CA SER A 250 -7.19 -21.24 -1.94
C SER A 250 -5.97 -21.10 -2.83
N LYS A 251 -6.08 -20.29 -3.87
CA LYS A 251 -4.98 -20.08 -4.80
C LYS A 251 -3.79 -19.46 -4.08
N ILE A 252 -4.03 -18.39 -3.31
CA ILE A 252 -2.95 -17.75 -2.55
C ILE A 252 -2.25 -18.77 -1.66
N LYS A 253 -3.00 -19.62 -0.99
CA LYS A 253 -2.38 -20.58 -0.09
C LYS A 253 -1.73 -21.75 -0.81
N SER A 254 -2.24 -22.16 -2.00
CA SER A 254 -1.82 -23.45 -2.56
C SER A 254 -1.52 -23.48 -4.05
N GLN A 255 -1.62 -22.38 -4.78
CA GLN A 255 -1.36 -22.40 -6.22
C GLN A 255 0.06 -21.90 -6.42
N ALA A 256 0.89 -22.73 -7.04
CA ALA A 256 2.24 -22.32 -7.36
C ALA A 256 2.21 -21.10 -8.25
N LEU A 257 3.14 -20.18 -8.00
CA LEU A 257 3.28 -18.97 -8.80
C LEU A 257 3.56 -19.33 -10.26
N GLU A 258 2.89 -18.62 -11.18
CA GLU A 258 2.99 -18.88 -12.60
C GLU A 258 3.32 -17.61 -13.34
N PHE A 259 4.23 -17.69 -14.29
CA PHE A 259 4.56 -16.51 -15.04
C PHE A 259 3.96 -16.59 -16.43
N PRO A 260 3.27 -15.55 -16.87
CA PRO A 260 2.84 -15.50 -18.28
C PRO A 260 4.02 -15.53 -19.23
N ASP A 261 3.85 -16.23 -20.35
CA ASP A 261 4.83 -16.18 -21.43
C ASP A 261 5.14 -14.74 -21.82
N GLN A 262 4.10 -13.90 -21.89
CA GLN A 262 4.20 -12.52 -22.33
C GLN A 262 3.74 -11.56 -21.24
N PRO A 263 4.47 -10.46 -21.02
CA PRO A 263 5.74 -10.11 -21.67
C PRO A 263 6.89 -10.95 -21.12
N ASP A 264 7.98 -11.12 -21.88
CA ASP A 264 9.07 -12.03 -21.48
C ASP A 264 10.03 -11.29 -20.57
N ILE A 265 9.79 -11.37 -19.27
CA ILE A 265 10.57 -10.63 -18.28
C ILE A 265 11.86 -11.38 -17.95
N ALA A 266 12.81 -10.67 -17.35
CA ALA A 266 14.13 -11.19 -17.05
C ALA A 266 14.09 -12.25 -15.94
N GLU A 267 15.03 -13.20 -16.05
CA GLU A 267 15.16 -14.27 -15.07
C GLU A 267 15.43 -13.73 -13.67
N ASP A 268 16.25 -12.69 -13.57
CA ASP A 268 16.54 -12.19 -12.24
C ASP A 268 15.32 -11.53 -11.63
N LEU A 269 14.46 -10.92 -12.44
CA LEU A 269 13.21 -10.38 -11.91
C LEU A 269 12.26 -11.50 -11.51
N LYS A 270 12.20 -12.58 -12.30
CA LYS A 270 11.41 -13.73 -11.86
C LYS A 270 11.92 -14.27 -10.53
N ASP A 271 13.24 -14.35 -10.37
CA ASP A 271 13.78 -14.85 -9.11
C ASP A 271 13.34 -13.98 -7.94
N LEU A 272 13.37 -12.66 -8.10
CA LEU A 272 12.98 -11.76 -7.04
C LEU A 272 11.51 -11.92 -6.68
N ILE A 273 10.63 -11.88 -7.69
CA ILE A 273 9.19 -12.09 -7.43
C ILE A 273 8.96 -13.45 -6.79
N THR A 274 9.62 -14.50 -7.30
CA THR A 274 9.54 -15.82 -6.70
C THR A 274 9.95 -15.80 -5.23
N ARG A 275 11.01 -15.04 -4.91
CA ARG A 275 11.47 -15.03 -3.52
C ARG A 275 10.51 -14.25 -2.63
N MET A 276 9.95 -13.15 -3.15
CA MET A 276 8.98 -12.39 -2.39
C MET A 276 7.66 -13.12 -2.22
N LEU A 277 7.28 -13.97 -3.18
CA LEU A 277 6.04 -14.73 -3.07
C LEU A 277 6.27 -16.16 -2.61
N ASP A 278 7.37 -16.39 -1.88
CA ASP A 278 7.57 -17.61 -1.10
C ASP A 278 6.43 -17.77 -0.08
N LYS A 279 5.67 -18.86 -0.22
CA LYS A 279 4.51 -19.04 0.61
C LYS A 279 4.89 -19.31 2.07
N ASN A 280 6.13 -19.73 2.31
CA ASN A 280 6.64 -19.95 3.66
C ASN A 280 7.26 -18.63 4.17
N PRO A 281 6.64 -17.95 5.12
CA PRO A 281 7.21 -16.68 5.56
C PRO A 281 8.56 -16.85 6.25
N GLU A 282 8.93 -18.06 6.65
CA GLU A 282 10.21 -18.27 7.31
C GLU A 282 11.38 -18.18 6.33
N SER A 283 11.18 -18.59 5.08
CA SER A 283 12.24 -18.51 4.07
C SER A 283 12.04 -17.36 3.09
N ARG A 284 10.90 -16.66 3.18
CA ARG A 284 10.64 -15.53 2.31
C ARG A 284 11.77 -14.50 2.43
N ILE A 285 12.08 -13.85 1.31
CA ILE A 285 13.17 -12.90 1.27
C ILE A 285 12.83 -11.69 2.16
N VAL A 286 13.82 -11.17 2.87
CA VAL A 286 13.58 -10.02 3.71
C VAL A 286 14.00 -8.74 2.99
N VAL A 287 13.55 -7.62 3.53
CA VAL A 287 13.85 -6.33 2.91
C VAL A 287 15.35 -6.07 2.74
N PRO A 288 16.19 -6.32 3.75
CA PRO A 288 17.64 -6.09 3.52
C PRO A 288 18.17 -6.94 2.38
N GLU A 289 17.57 -8.09 2.09
CA GLU A 289 18.03 -8.83 0.92
C GLU A 289 17.44 -8.26 -0.36
N ILE A 290 16.19 -7.80 -0.31
CA ILE A 290 15.59 -7.20 -1.50
C ILE A 290 16.44 -6.03 -1.98
N LYS A 291 16.99 -5.27 -1.02
CA LYS A 291 17.86 -4.13 -1.35
C LYS A 291 19.04 -4.56 -2.21
N LEU A 292 19.61 -5.73 -1.94
CA LEU A 292 20.81 -6.19 -2.60
C LEU A 292 20.52 -7.05 -3.81
N HIS A 293 19.26 -7.30 -4.12
CA HIS A 293 18.95 -8.29 -5.15
C HIS A 293 19.48 -7.81 -6.50
N PRO A 294 20.05 -8.71 -7.30
CA PRO A 294 20.62 -8.32 -8.61
C PRO A 294 19.68 -7.49 -9.47
N TRP A 295 18.38 -7.84 -9.51
CA TRP A 295 17.48 -7.05 -10.35
C TRP A 295 17.32 -5.64 -9.81
N VAL A 296 17.36 -5.48 -8.49
CA VAL A 296 17.14 -4.17 -7.90
C VAL A 296 18.36 -3.27 -8.11
N THR A 297 19.57 -3.82 -8.09
CA THR A 297 20.79 -3.00 -8.13
C THR A 297 21.35 -2.78 -9.53
N ARG A 298 20.68 -3.23 -10.58
CA ARG A 298 21.23 -3.01 -11.91
C ARG A 298 20.46 -1.95 -12.68
#